data_8RIS
#
_entry.id   8RIS
#
_cell.length_a   104.306
_cell.length_b   104.306
_cell.length_c   70.807
_cell.angle_alpha   90.000
_cell.angle_beta   90.000
_cell.angle_gamma   120.000
#
_symmetry.space_group_name_H-M   'P 64'
#
loop_
_entity.id
_entity.type
_entity.pdbx_description
1 polymer 'Pyrrolysine--tRNA ligase'
2 non-polymer 'PENTAETHYLENE GLYCOL'
3 non-polymer 'SODIUM ION'
4 non-polymer GLYCEROL
5 non-polymer 1,2-ETHANEDIOL
6 water water
#
_entity_poly.entity_id   1
_entity_poly.type   'polypeptide(L)'
_entity_poly.pdbx_seq_one_letter_code
;GSHPALTKSQTDRLEVLLNPKDEISLNSGKPFRELESELLSRRKKDLQQIYAEERENYLGKLEREITRFFVDRGFLEIKS
PILIPLEYIERMGIDNDTELSKQIFRVDKNFCLRPMLAPNLANYLRKLDRALPDPIKIFEIGPCYRKESDGKEHLEEFTM
LNFCQMGSGCTRENLESIITDFLNHLGIDFKIVGDSCMVYGDTLDVMHGDLELSSAVVGPIPLDREWGIDKPWIGAGFGL
ERLLKVKHDFKNIKRAARSESYYNGISTNL
;
_entity_poly.pdbx_strand_id   A
#
loop_
_chem_comp.id
_chem_comp.type
_chem_comp.name
_chem_comp.formula
1PE non-polymer 'PENTAETHYLENE GLYCOL' 'C10 H22 O6'
EDO non-polymer 1,2-ETHANEDIOL 'C2 H6 O2'
GOL non-polymer GLYCEROL 'C3 H8 O3'
NA non-polymer 'SODIUM ION' 'Na 1'
#
# COMPACT_ATOMS: atom_id res chain seq x y z
N PRO A 4 -7.36 40.52 -8.30
CA PRO A 4 -5.93 40.66 -8.04
C PRO A 4 -5.22 39.31 -7.97
N ALA A 5 -4.20 39.21 -7.11
CA ALA A 5 -3.46 37.97 -6.95
C ALA A 5 -4.20 37.02 -6.01
N LEU A 6 -4.12 35.73 -6.30
CA LEU A 6 -4.76 34.73 -5.47
C LEU A 6 -4.01 34.57 -4.15
N THR A 7 -4.77 34.45 -3.06
CA THR A 7 -4.17 34.21 -1.77
C THR A 7 -3.69 32.76 -1.67
N LYS A 8 -2.97 32.46 -0.59
CA LYS A 8 -2.50 31.11 -0.37
C LYS A 8 -3.64 30.15 -0.07
N SER A 9 -4.62 30.62 0.72
CA SER A 9 -5.77 29.78 1.04
C SER A 9 -6.62 29.52 -0.20
N GLN A 10 -6.79 30.52 -1.06
CA GLN A 10 -7.51 30.32 -2.31
C GLN A 10 -6.79 29.34 -3.22
N THR A 11 -5.46 29.32 -3.18
CA THR A 11 -4.71 28.38 -3.99
C THR A 11 -4.88 26.96 -3.47
N ASP A 12 -4.87 26.79 -2.14
CA ASP A 12 -5.11 25.47 -1.56
C ASP A 12 -6.50 24.95 -1.94
N ARG A 13 -7.50 25.83 -1.96
CA ARG A 13 -8.84 25.41 -2.32
C ARG A 13 -8.90 24.95 -3.77
N LEU A 14 -8.27 25.70 -4.68
CA LEU A 14 -8.28 25.32 -6.09
C LEU A 14 -7.49 24.05 -6.33
N GLU A 15 -6.41 23.83 -5.58
CA GLU A 15 -5.63 22.61 -5.75
C GLU A 15 -6.41 21.38 -5.29
N VAL A 16 -7.33 21.53 -4.35
CA VAL A 16 -8.19 20.42 -3.96
C VAL A 16 -9.09 20.01 -5.12
N LEU A 17 -9.64 20.98 -5.83
CA LEU A 17 -10.51 20.73 -6.98
C LEU A 17 -9.73 20.50 -8.28
N LEU A 18 -8.41 20.42 -8.21
CA LEU A 18 -7.57 20.33 -9.40
C LEU A 18 -7.12 18.89 -9.60
N ASN A 19 -7.45 18.32 -10.77
N ASN A 19 -7.46 18.32 -10.76
CA ASN A 19 -7.07 16.98 -11.19
CA ASN A 19 -7.03 16.98 -11.12
C ASN A 19 -5.75 17.03 -11.97
C ASN A 19 -5.75 17.03 -11.96
N PRO A 20 -4.93 15.98 -11.87
CA PRO A 20 -3.68 15.97 -12.66
C PRO A 20 -3.92 16.02 -14.16
N LYS A 21 -5.07 15.55 -14.64
CA LYS A 21 -5.37 15.61 -16.07
C LYS A 21 -5.78 17.00 -16.52
N ASP A 22 -6.09 17.91 -15.59
CA ASP A 22 -6.47 19.27 -15.97
C ASP A 22 -5.26 20.01 -16.52
N GLU A 23 -5.40 20.55 -17.72
CA GLU A 23 -4.32 21.29 -18.36
C GLU A 23 -4.64 22.79 -18.35
N ILE A 24 -4.88 23.35 -17.17
CA ILE A 24 -5.17 24.77 -17.02
C ILE A 24 -4.25 25.35 -15.95
N SER A 25 -3.91 26.62 -16.11
CA SER A 25 -3.03 27.32 -15.19
C SER A 25 -3.81 28.23 -14.28
N LEU A 26 -3.31 28.39 -13.06
CA LEU A 26 -3.97 29.24 -12.05
C LEU A 26 -3.44 30.66 -12.12
N SER A 28 -4.17 32.82 -14.70
CA SER A 28 -4.78 33.22 -15.96
C SER A 28 -5.45 34.59 -15.85
N GLY A 29 -5.36 35.20 -14.67
CA GLY A 29 -5.94 36.49 -14.42
C GLY A 29 -7.39 36.46 -14.00
N LYS A 30 -8.07 35.32 -14.12
CA LYS A 30 -9.46 35.24 -13.71
C LYS A 30 -9.57 35.25 -12.18
N PRO A 31 -10.69 35.76 -11.65
CA PRO A 31 -10.86 35.79 -10.19
C PRO A 31 -11.00 34.38 -9.62
N PHE A 32 -10.96 34.32 -8.30
CA PHE A 32 -11.05 33.02 -7.61
C PHE A 32 -12.41 32.38 -7.82
N ARG A 33 -13.48 33.19 -7.82
CA ARG A 33 -14.81 32.63 -8.01
C ARG A 33 -14.97 32.02 -9.40
N GLU A 34 -14.37 32.64 -10.42
CA GLU A 34 -14.46 32.10 -11.77
C GLU A 34 -13.69 30.80 -11.89
N LEU A 35 -12.50 30.72 -11.29
CA LEU A 35 -11.72 29.49 -11.34
C LEU A 35 -12.37 28.38 -10.52
N GLU A 36 -12.90 28.73 -9.34
CA GLU A 36 -13.55 27.72 -8.51
C GLU A 36 -14.81 27.19 -9.18
N SER A 37 -15.59 28.07 -9.81
CA SER A 37 -16.80 27.64 -10.50
C SER A 37 -16.49 26.70 -11.66
N GLU A 38 -15.35 26.91 -12.33
CA GLU A 38 -14.98 26.03 -13.44
C GLU A 38 -14.56 24.66 -12.95
N LEU A 39 -13.70 24.62 -11.92
CA LEU A 39 -13.23 23.34 -11.39
C LEU A 39 -14.37 22.55 -10.74
N LEU A 40 -15.29 23.25 -10.07
CA LEU A 40 -16.44 22.56 -9.49
C LEU A 40 -17.27 21.86 -10.56
N SER A 41 -17.49 22.53 -11.70
CA SER A 41 -18.25 21.92 -12.77
C SER A 41 -17.53 20.71 -13.35
N ARG A 42 -16.20 20.78 -13.44
CA ARG A 42 -15.44 19.64 -13.97
C ARG A 42 -15.49 18.46 -13.01
N ARG A 43 -15.31 18.70 -11.71
CA ARG A 43 -15.30 17.62 -10.74
C ARG A 43 -16.68 16.97 -10.62
N LYS A 44 -17.74 17.77 -10.70
CA LYS A 44 -19.09 17.22 -10.69
C LYS A 44 -19.31 16.32 -11.91
N LYS A 45 -18.89 16.77 -13.09
CA LYS A 45 -19.02 15.95 -14.28
C LYS A 45 -18.14 14.70 -14.22
N ASP A 46 -16.98 14.81 -13.56
CA ASP A 46 -16.11 13.63 -13.41
C ASP A 46 -16.80 12.56 -12.57
N LEU A 47 -17.40 12.95 -11.45
CA LEU A 47 -18.13 11.99 -10.63
C LEU A 47 -19.36 11.46 -11.34
N GLN A 48 -20.01 12.29 -12.16
CA GLN A 48 -21.16 11.83 -12.93
C GLN A 48 -20.75 10.75 -13.94
N GLN A 49 -19.57 10.91 -14.54
CA GLN A 49 -19.09 9.91 -15.49
C GLN A 49 -18.73 8.60 -14.78
N ILE A 50 -18.20 8.69 -13.56
CA ILE A 50 -17.92 7.48 -12.79
C ILE A 50 -19.20 6.79 -12.38
N TYR A 51 -20.20 7.56 -11.93
CA TYR A 51 -21.46 6.99 -11.46
C TYR A 51 -22.27 6.37 -12.59
N ALA A 52 -21.97 6.71 -13.85
CA ALA A 52 -22.69 6.18 -14.99
C ALA A 52 -21.93 5.10 -15.75
N GLU A 53 -20.67 4.86 -15.43
CA GLU A 53 -19.87 3.91 -16.20
C GLU A 53 -19.19 2.88 -15.29
N GLU A 54 -18.07 3.26 -14.68
CA GLU A 54 -17.28 2.30 -13.90
C GLU A 54 -17.94 1.98 -12.56
N ARG A 55 -18.11 3.00 -11.71
CA ARG A 55 -18.64 2.90 -10.36
C ARG A 55 -17.78 2.05 -9.43
N GLU A 56 -16.53 1.80 -9.78
CA GLU A 56 -15.62 1.03 -8.94
C GLU A 56 -14.62 1.96 -8.25
N ASN A 57 -14.31 1.65 -6.99
CA ASN A 57 -13.36 2.45 -6.23
C ASN A 57 -11.94 2.07 -6.60
N TYR A 58 -11.04 3.06 -6.60
CA TYR A 58 -9.65 2.81 -6.98
C TYR A 58 -9.00 1.81 -6.05
N LEU A 59 -9.22 1.94 -4.73
CA LEU A 59 -8.62 1.02 -3.78
CA LEU A 59 -8.62 1.02 -3.78
C LEU A 59 -9.14 -0.39 -3.97
N GLY A 60 -10.47 -0.54 -4.06
CA GLY A 60 -11.04 -1.87 -4.23
C GLY A 60 -10.67 -2.50 -5.56
N LYS A 61 -10.69 -1.72 -6.64
CA LYS A 61 -10.36 -2.24 -7.96
C LYS A 61 -8.89 -2.66 -8.02
N LEU A 62 -8.01 -1.92 -7.34
CA LEU A 62 -6.60 -2.30 -7.31
C LEU A 62 -6.40 -3.60 -6.56
N GLU A 63 -7.11 -3.80 -5.45
N GLU A 63 -7.11 -3.80 -5.45
CA GLU A 63 -7.00 -5.05 -4.72
CA GLU A 63 -7.01 -5.05 -4.71
C GLU A 63 -7.45 -6.23 -5.57
C GLU A 63 -7.45 -6.23 -5.57
N ARG A 64 -8.49 -6.05 -6.38
CA ARG A 64 -8.97 -7.13 -7.23
C ARG A 64 -8.01 -7.39 -8.38
N GLU A 65 -7.38 -6.33 -8.91
N GLU A 65 -7.37 -6.35 -8.91
CA GLU A 65 -6.40 -6.53 -9.98
CA GLU A 65 -6.40 -6.53 -9.98
C GLU A 65 -5.15 -7.21 -9.46
C GLU A 65 -5.13 -7.19 -9.46
N ILE A 66 -4.72 -6.86 -8.24
CA ILE A 66 -3.55 -7.50 -7.65
C ILE A 66 -3.86 -8.94 -7.28
N THR A 67 -5.07 -9.19 -6.78
CA THR A 67 -5.44 -10.55 -6.39
C THR A 67 -5.42 -11.50 -7.58
N ARG A 68 -5.97 -11.07 -8.71
CA ARG A 68 -5.92 -11.90 -9.91
C ARG A 68 -4.48 -12.16 -10.36
N PHE A 69 -3.58 -11.23 -10.07
CA PHE A 69 -2.19 -11.39 -10.51
C PHE A 69 -1.51 -12.53 -9.77
N PHE A 70 -1.67 -12.58 -8.44
CA PHE A 70 -0.97 -13.59 -7.65
C PHE A 70 -1.71 -14.92 -7.62
N VAL A 71 -3.04 -14.90 -7.72
CA VAL A 71 -3.79 -16.15 -7.79
C VAL A 71 -3.43 -16.90 -9.08
N ASP A 72 -3.26 -16.16 -10.18
CA ASP A 72 -2.86 -16.79 -11.43
C ASP A 72 -1.43 -17.30 -11.41
N ARG A 73 -0.63 -16.92 -10.42
CA ARG A 73 0.77 -17.35 -10.33
C ARG A 73 1.03 -18.28 -9.15
N GLY A 74 -0.01 -18.93 -8.64
CA GLY A 74 0.17 -19.95 -7.62
C GLY A 74 0.27 -19.45 -6.19
N PHE A 75 -0.20 -18.25 -5.92
CA PHE A 75 -0.18 -17.69 -4.57
C PHE A 75 -1.56 -17.85 -3.94
N LEU A 76 -1.59 -18.32 -2.69
CA LEU A 76 -2.84 -18.53 -1.98
C LEU A 76 -3.32 -17.23 -1.35
N GLU A 77 -4.59 -16.90 -1.55
CA GLU A 77 -5.16 -15.66 -1.03
C GLU A 77 -5.46 -15.83 0.46
N ILE A 78 -4.82 -15.00 1.29
CA ILE A 78 -4.94 -15.07 2.73
C ILE A 78 -5.77 -13.90 3.22
N LYS A 79 -6.62 -14.15 4.23
CA LYS A 79 -7.43 -13.11 4.89
C LYS A 79 -7.31 -13.31 6.40
N SER A 80 -6.18 -12.85 6.95
CA SER A 80 -5.87 -12.99 8.36
C SER A 80 -6.51 -11.85 9.16
N PRO A 81 -6.61 -12.00 10.49
CA PRO A 81 -7.22 -10.94 11.29
C PRO A 81 -6.45 -9.63 11.21
N ILE A 82 -7.18 -8.52 11.27
CA ILE A 82 -6.55 -7.21 11.36
C ILE A 82 -6.19 -6.89 12.81
N LEU A 83 -6.97 -7.38 13.77
CA LEU A 83 -6.67 -7.23 15.18
CA LEU A 83 -6.67 -7.23 15.18
C LEU A 83 -5.75 -8.37 15.60
N ILE A 84 -4.47 -8.05 15.84
CA ILE A 84 -3.49 -9.07 16.21
C ILE A 84 -3.07 -8.87 17.66
N PRO A 85 -2.58 -9.91 18.33
CA PRO A 85 -2.10 -9.75 19.70
C PRO A 85 -0.83 -8.91 19.76
N LEU A 86 -0.60 -8.28 20.92
CA LEU A 86 0.62 -7.51 21.11
C LEU A 86 1.85 -8.39 21.14
N GLU A 87 1.69 -9.67 21.53
CA GLU A 87 2.82 -10.59 21.57
C GLU A 87 3.44 -10.80 20.19
N TYR A 88 2.65 -10.61 19.13
CA TYR A 88 3.20 -10.73 17.78
C TYR A 88 4.22 -9.62 17.51
N ILE A 89 3.97 -8.42 18.03
CA ILE A 89 4.90 -7.31 17.82
C ILE A 89 6.12 -7.43 18.73
N GLU A 90 5.92 -7.92 19.96
CA GLU A 90 7.05 -8.17 20.84
C GLU A 90 7.97 -9.25 20.27
N ARG A 91 7.40 -10.21 19.55
N ARG A 91 7.40 -10.21 19.55
CA ARG A 91 8.20 -11.26 18.92
CA ARG A 91 8.21 -11.26 18.93
C ARG A 91 8.88 -10.82 17.64
C ARG A 91 8.94 -10.77 17.68
N MET A 92 8.49 -9.67 17.08
CA MET A 92 9.15 -9.11 15.91
C MET A 92 10.42 -8.34 16.24
N GLY A 93 10.77 -8.24 17.52
CA GLY A 93 11.97 -7.52 17.91
C GLY A 93 11.76 -6.08 18.29
N ILE A 94 10.56 -5.72 18.76
CA ILE A 94 10.24 -4.35 19.14
C ILE A 94 9.71 -4.36 20.56
N ASP A 95 10.31 -3.56 21.43
CA ASP A 95 9.89 -3.47 22.83
C ASP A 95 10.23 -2.07 23.33
N ASN A 96 10.11 -1.88 24.65
CA ASN A 96 10.42 -0.62 25.34
C ASN A 96 9.52 0.46 24.73
N ASP A 97 10.04 1.65 24.41
CA ASP A 97 9.24 2.72 23.81
C ASP A 97 9.85 3.24 22.52
N THR A 98 10.78 2.50 21.93
CA THR A 98 11.38 2.92 20.66
C THR A 98 10.33 2.95 19.55
N GLU A 99 9.69 1.80 19.30
CA GLU A 99 8.61 1.72 18.34
C GLU A 99 7.38 0.99 18.86
N LEU A 100 7.43 0.41 20.07
CA LEU A 100 6.30 -0.33 20.58
C LEU A 100 5.19 0.59 21.08
N SER A 101 5.55 1.59 21.89
CA SER A 101 4.58 2.51 22.47
C SER A 101 4.54 3.84 21.74
N LYS A 102 4.96 3.88 20.47
CA LYS A 102 5.02 5.13 19.71
C LYS A 102 4.23 5.06 18.42
N GLN A 103 4.40 4.02 17.61
CA GLN A 103 3.75 3.93 16.31
C GLN A 103 2.75 2.78 16.22
N ILE A 104 2.24 2.32 17.36
CA ILE A 104 1.33 1.18 17.40
C ILE A 104 -0.01 1.63 17.96
N PHE A 105 -1.08 1.34 17.21
CA PHE A 105 -2.45 1.59 17.67
C PHE A 105 -2.89 0.42 18.52
N ARG A 106 -2.76 0.54 19.84
CA ARG A 106 -3.22 -0.50 20.74
C ARG A 106 -4.71 -0.32 21.05
N VAL A 107 -5.43 -1.43 21.11
CA VAL A 107 -6.85 -1.41 21.39
C VAL A 107 -7.09 -1.79 22.84
N ASP A 108 -6.91 -3.06 23.17
CA ASP A 108 -7.01 -3.54 24.54
C ASP A 108 -5.60 -3.67 25.11
N LYS A 109 -5.50 -4.25 26.31
CA LYS A 109 -4.22 -4.53 26.93
C LYS A 109 -3.50 -5.71 26.30
N ASN A 110 -4.08 -6.33 25.28
CA ASN A 110 -3.50 -7.53 24.68
C ASN A 110 -3.43 -7.42 23.16
N PHE A 111 -4.43 -6.79 22.55
CA PHE A 111 -4.56 -6.71 21.11
C PHE A 111 -4.19 -5.32 20.60
N CYS A 112 -4.04 -5.22 19.29
CA CYS A 112 -3.70 -3.96 18.63
C CYS A 112 -3.99 -4.11 17.15
N LEU A 113 -3.95 -2.97 16.45
CA LEU A 113 -4.09 -2.97 14.99
C LEU A 113 -2.77 -3.37 14.35
N ARG A 114 -2.84 -4.28 13.39
CA ARG A 114 -1.63 -4.81 12.77
C ARG A 114 -0.92 -3.73 11.97
N PRO A 115 0.36 -3.46 12.24
CA PRO A 115 1.11 -2.52 11.40
C PRO A 115 1.69 -3.15 10.15
N MET A 116 1.59 -4.47 10.00
CA MET A 116 2.15 -5.17 8.85
C MET A 116 1.52 -6.55 8.77
N LEU A 117 1.68 -7.18 7.59
CA LEU A 117 1.12 -8.49 7.33
C LEU A 117 2.10 -9.62 7.59
N ALA A 118 3.35 -9.30 7.94
CA ALA A 118 4.38 -10.34 8.08
C ALA A 118 4.09 -11.34 9.19
N PRO A 119 3.70 -10.94 10.41
CA PRO A 119 3.47 -11.96 11.45
C PRO A 119 2.38 -12.95 11.12
N ASN A 120 1.27 -12.47 10.55
CA ASN A 120 0.18 -13.38 10.18
C ASN A 120 0.61 -14.33 9.07
N LEU A 121 1.28 -13.80 8.04
CA LEU A 121 1.73 -14.65 6.94
C LEU A 121 2.80 -15.63 7.38
N ALA A 122 3.62 -15.27 8.37
CA ALA A 122 4.62 -16.18 8.89
C ALA A 122 3.96 -17.39 9.56
N ASN A 123 2.92 -17.14 10.36
CA ASN A 123 2.19 -18.24 10.99
C ASN A 123 1.53 -19.13 9.94
N TYR A 124 1.03 -18.52 8.86
CA TYR A 124 0.44 -19.32 7.78
C TYR A 124 1.50 -20.16 7.08
N LEU A 125 2.70 -19.62 6.91
CA LEU A 125 3.77 -20.38 6.28
C LEU A 125 4.14 -21.61 7.09
N ARG A 126 4.15 -21.48 8.43
CA ARG A 126 4.47 -22.62 9.27
C ARG A 126 3.39 -23.68 9.19
N LYS A 127 2.13 -23.27 9.28
CA LYS A 127 1.03 -24.23 9.30
C LYS A 127 0.83 -24.89 7.93
N LEU A 128 0.97 -24.12 6.85
CA LEU A 128 0.74 -24.65 5.52
C LEU A 128 1.84 -25.60 5.05
N ASP A 129 3.02 -25.53 5.66
CA ASP A 129 4.09 -26.45 5.29
C ASP A 129 3.77 -27.89 5.64
N ARG A 130 2.85 -28.12 6.58
CA ARG A 130 2.45 -29.47 6.95
C ARG A 130 1.47 -30.09 5.97
N ALA A 131 0.97 -29.33 4.98
CA ALA A 131 -0.04 -29.86 4.08
C ALA A 131 0.26 -29.54 2.62
N LEU A 132 0.87 -28.38 2.36
CA LEU A 132 1.02 -28.03 0.96
C LEU A 132 2.40 -28.43 0.44
N PRO A 133 2.49 -28.77 -0.84
CA PRO A 133 3.79 -29.16 -1.41
C PRO A 133 4.70 -27.95 -1.59
N ASP A 134 6.00 -28.25 -1.69
CA ASP A 134 6.99 -27.20 -1.87
C ASP A 134 6.94 -26.64 -3.29
N PRO A 135 7.02 -25.32 -3.47
CA PRO A 135 7.14 -24.28 -2.43
C PRO A 135 5.80 -23.74 -1.95
N ILE A 136 5.80 -23.03 -0.82
CA ILE A 136 4.59 -22.41 -0.29
C ILE A 136 4.54 -20.97 -0.77
N LYS A 137 3.50 -20.63 -1.53
CA LYS A 137 3.34 -19.29 -2.08
C LYS A 137 1.99 -18.73 -1.62
N ILE A 138 2.03 -17.65 -0.84
CA ILE A 138 0.83 -17.01 -0.29
C ILE A 138 0.97 -15.51 -0.44
N PHE A 139 -0.15 -14.81 -0.23
CA PHE A 139 -0.18 -13.36 -0.27
C PHE A 139 -1.43 -12.87 0.45
N GLU A 140 -1.42 -11.59 0.82
CA GLU A 140 -2.57 -10.98 1.47
C GLU A 140 -2.61 -9.50 1.14
N ILE A 141 -3.82 -8.98 0.94
CA ILE A 141 -4.08 -7.55 0.81
C ILE A 141 -5.04 -7.16 1.93
N GLY A 142 -4.68 -6.13 2.69
CA GLY A 142 -5.50 -5.70 3.79
C GLY A 142 -5.03 -4.41 4.43
N PRO A 143 -5.83 -3.87 5.35
CA PRO A 143 -5.45 -2.63 6.03
C PRO A 143 -4.33 -2.85 7.03
N CYS A 144 -3.54 -1.80 7.23
CA CYS A 144 -2.50 -1.77 8.25
C CYS A 144 -2.46 -0.38 8.86
N TYR A 145 -1.89 -0.29 10.07
CA TYR A 145 -1.99 0.94 10.85
C TYR A 145 -0.68 1.24 11.56
N ARG A 146 -0.24 2.49 11.47
CA ARG A 146 0.98 2.95 12.13
C ARG A 146 0.86 4.44 12.40
N LYS A 147 1.17 4.86 13.62
CA LYS A 147 1.00 6.24 14.02
C LYS A 147 2.00 7.15 13.29
N GLU A 148 1.75 8.45 13.39
CA GLU A 148 2.60 9.49 12.79
C GLU A 148 2.77 9.28 11.29
N GLY A 151 6.24 12.97 14.41
CA GLY A 151 7.64 12.75 14.11
C GLY A 151 7.91 12.63 12.62
N LYS A 152 7.11 11.80 11.94
CA LYS A 152 7.23 11.57 10.51
C LYS A 152 6.07 12.23 9.78
N GLU A 153 5.79 11.75 8.56
CA GLU A 153 4.70 12.31 7.76
C GLU A 153 4.29 11.25 6.73
N HIS A 154 3.28 10.46 7.06
CA HIS A 154 2.77 9.43 6.16
C HIS A 154 1.37 9.05 6.60
N LEU A 155 0.73 8.20 5.80
CA LEU A 155 -0.62 7.74 6.11
C LEU A 155 -0.61 6.82 7.32
N GLU A 156 -1.56 7.05 8.23
CA GLU A 156 -1.71 6.20 9.40
C GLU A 156 -2.58 4.98 9.11
N GLU A 157 -3.60 5.13 8.26
CA GLU A 157 -4.43 4.03 7.82
C GLU A 157 -4.14 3.77 6.34
N PHE A 158 -3.61 2.59 6.03
CA PHE A 158 -3.19 2.29 4.68
C PHE A 158 -3.44 0.82 4.37
N THR A 159 -3.41 0.49 3.09
CA THR A 159 -3.63 -0.86 2.59
C THR A 159 -2.30 -1.45 2.14
N MET A 160 -1.97 -2.63 2.66
CA MET A 160 -0.70 -3.29 2.37
C MET A 160 -0.92 -4.54 1.52
N LEU A 161 0.05 -4.82 0.66
CA LEU A 161 0.13 -6.08 -0.08
C LEU A 161 1.44 -6.76 0.31
N ASN A 162 1.34 -8.00 0.78
CA ASN A 162 2.51 -8.78 1.16
C ASN A 162 2.38 -10.17 0.54
N PHE A 163 3.29 -10.47 -0.39
CA PHE A 163 3.42 -11.81 -0.94
C PHE A 163 4.74 -12.41 -0.50
N CYS A 164 4.76 -13.72 -0.31
CA CYS A 164 5.95 -14.40 0.14
C CYS A 164 5.95 -15.84 -0.34
N GLN A 165 7.15 -16.38 -0.52
CA GLN A 165 7.35 -17.77 -0.93
C GLN A 165 8.38 -18.41 -0.01
N MET A 166 8.14 -19.67 0.35
CA MET A 166 9.01 -20.40 1.26
C MET A 166 9.41 -21.73 0.64
N GLY A 167 10.67 -22.10 0.81
CA GLY A 167 11.17 -23.37 0.29
C GLY A 167 12.13 -23.22 -0.86
N SER A 168 11.83 -23.89 -1.97
CA SER A 168 12.69 -23.84 -3.14
C SER A 168 12.38 -22.61 -3.99
N GLY A 169 13.36 -22.22 -4.80
CA GLY A 169 13.20 -21.08 -5.67
C GLY A 169 13.22 -19.73 -4.99
N CYS A 170 13.52 -19.68 -3.69
CA CYS A 170 13.54 -18.43 -2.93
C CYS A 170 14.92 -17.78 -3.09
N THR A 171 15.12 -17.19 -4.27
CA THR A 171 16.36 -16.51 -4.60
C THR A 171 16.09 -15.05 -4.90
N ARG A 172 17.15 -14.24 -4.87
CA ARG A 172 17.02 -12.83 -5.19
C ARG A 172 16.62 -12.62 -6.64
N GLU A 173 17.14 -13.46 -7.55
CA GLU A 173 16.76 -13.38 -8.95
C GLU A 173 15.27 -13.64 -9.13
N ASN A 174 14.76 -14.68 -8.46
CA ASN A 174 13.34 -15.00 -8.56
C ASN A 174 12.48 -13.92 -7.94
N LEU A 175 12.93 -13.35 -6.82
CA LEU A 175 12.16 -12.29 -6.16
C LEU A 175 12.07 -11.05 -7.04
N GLU A 176 13.19 -10.66 -7.68
CA GLU A 176 13.18 -9.50 -8.54
C GLU A 176 12.36 -9.75 -9.80
N SER A 177 12.29 -11.00 -10.27
CA SER A 177 11.48 -11.30 -11.44
C SER A 177 9.99 -11.16 -11.14
N ILE A 178 9.58 -11.50 -9.92
CA ILE A 178 8.18 -11.33 -9.54
C ILE A 178 7.84 -9.85 -9.39
N ILE A 179 8.75 -9.08 -8.77
CA ILE A 179 8.52 -7.65 -8.61
C ILE A 179 8.49 -6.96 -9.97
N THR A 180 9.37 -7.37 -10.88
CA THR A 180 9.41 -6.75 -12.20
C THR A 180 8.15 -7.06 -13.01
N ASP A 181 7.72 -8.32 -13.00
N ASP A 181 7.72 -8.32 -13.00
CA ASP A 181 6.49 -8.67 -13.71
CA ASP A 181 6.49 -8.67 -13.71
C ASP A 181 5.26 -8.03 -13.07
C ASP A 181 5.26 -8.04 -13.08
N PHE A 182 5.32 -7.77 -11.77
CA PHE A 182 4.17 -7.19 -11.08
C PHE A 182 4.00 -5.71 -11.43
N LEU A 183 5.06 -4.92 -11.30
CA LEU A 183 4.94 -3.48 -11.54
C LEU A 183 4.81 -3.17 -13.02
N ASN A 184 5.39 -4.01 -13.90
CA ASN A 184 5.18 -3.82 -15.33
C ASN A 184 3.75 -4.17 -15.71
N HIS A 185 3.11 -5.09 -14.99
CA HIS A 185 1.71 -5.41 -15.24
C HIS A 185 0.81 -4.22 -14.93
N LEU A 186 1.05 -3.56 -13.80
CA LEU A 186 0.25 -2.39 -13.44
C LEU A 186 0.60 -1.19 -14.30
N GLY A 187 1.86 -1.04 -14.69
CA GLY A 187 2.29 0.11 -15.46
C GLY A 187 2.87 1.19 -14.56
N ILE A 188 3.79 0.79 -13.69
CA ILE A 188 4.42 1.70 -12.73
C ILE A 188 5.93 1.61 -12.91
N ASP A 189 6.56 2.75 -13.19
CA ASP A 189 8.01 2.77 -13.33
C ASP A 189 8.67 2.65 -11.96
N PHE A 190 9.80 1.95 -11.91
CA PHE A 190 10.46 1.67 -10.66
C PHE A 190 11.95 1.41 -10.91
N LYS A 191 12.68 1.19 -9.82
CA LYS A 191 14.09 0.83 -9.89
C LYS A 191 14.46 0.15 -8.58
N ILE A 192 15.14 -0.98 -8.67
CA ILE A 192 15.49 -1.78 -7.49
C ILE A 192 16.84 -1.30 -6.96
N VAL A 193 16.88 -0.96 -5.67
CA VAL A 193 18.08 -0.47 -5.01
C VAL A 193 18.50 -1.49 -3.97
N GLY A 194 19.77 -1.88 -4.01
CA GLY A 194 20.29 -2.85 -3.07
C GLY A 194 21.73 -3.22 -3.32
N ASP A 195 22.44 -3.63 -2.27
CA ASP A 195 23.83 -4.03 -2.39
C ASP A 195 23.95 -5.45 -2.92
N GLY A 201 22.88 -5.45 4.38
CA GLY A 201 21.55 -5.34 4.95
C GLY A 201 20.64 -6.49 4.58
N ASP A 202 20.99 -7.19 3.50
CA ASP A 202 20.25 -8.34 2.99
C ASP A 202 18.81 -8.00 2.64
N THR A 203 18.53 -6.73 2.34
CA THR A 203 17.20 -6.28 1.96
C THR A 203 17.29 -5.43 0.71
N LEU A 204 16.16 -5.32 0.01
CA LEU A 204 16.06 -4.54 -1.21
C LEU A 204 15.02 -3.44 -1.04
N ASP A 205 15.17 -2.40 -1.86
CA ASP A 205 14.26 -1.25 -1.85
C ASP A 205 13.75 -1.01 -3.26
N VAL A 206 12.43 -0.98 -3.42
CA VAL A 206 11.80 -0.68 -4.70
C VAL A 206 11.39 0.80 -4.65
N MET A 207 12.09 1.63 -5.42
CA MET A 207 11.93 3.07 -5.36
C MET A 207 11.27 3.60 -6.63
N HIS A 208 10.59 4.74 -6.50
CA HIS A 208 10.02 5.48 -7.62
C HIS A 208 10.53 6.93 -7.51
N GLY A 209 11.75 7.16 -7.98
CA GLY A 209 12.37 8.46 -7.86
C GLY A 209 12.85 8.73 -6.45
N ASP A 210 11.93 9.11 -5.57
CA ASP A 210 12.25 9.33 -4.17
C ASP A 210 11.26 8.69 -3.21
N LEU A 211 10.27 7.96 -3.70
CA LEU A 211 9.26 7.33 -2.86
C LEU A 211 9.53 5.83 -2.79
N GLU A 212 9.53 5.29 -1.57
CA GLU A 212 9.74 3.86 -1.37
C GLU A 212 8.43 3.12 -1.62
N LEU A 213 8.39 2.36 -2.73
CA LEU A 213 7.19 1.58 -3.02
C LEU A 213 7.14 0.30 -2.19
N SER A 214 8.30 -0.33 -1.96
CA SER A 214 8.33 -1.60 -1.26
C SER A 214 9.72 -1.81 -0.67
N SER A 215 9.79 -2.69 0.33
CA SER A 215 11.04 -3.11 0.95
C SER A 215 11.02 -4.63 1.00
N ALA A 216 11.76 -5.26 0.09
CA ALA A 216 11.77 -6.71 -0.01
C ALA A 216 12.88 -7.31 0.85
N VAL A 217 12.65 -8.55 1.29
CA VAL A 217 13.62 -9.29 2.09
C VAL A 217 13.92 -10.61 1.38
N VAL A 218 15.20 -10.95 1.31
CA VAL A 218 15.65 -12.16 0.64
C VAL A 218 16.35 -13.05 1.66
N GLY A 219 16.24 -14.37 1.44
CA GLY A 219 16.96 -15.33 2.24
C GLY A 219 16.46 -15.43 3.66
N PRO A 220 17.01 -16.38 4.42
CA PRO A 220 16.59 -16.54 5.82
C PRO A 220 17.04 -15.36 6.67
N ILE A 221 16.34 -15.21 7.79
CA ILE A 221 16.63 -14.15 8.76
C ILE A 221 16.77 -14.81 10.13
N PRO A 222 17.72 -14.37 10.97
CA PRO A 222 17.82 -14.96 12.32
C PRO A 222 16.53 -14.87 13.12
N LEU A 223 15.59 -14.02 12.73
CA LEU A 223 14.30 -13.94 13.39
C LEU A 223 13.36 -15.08 13.01
N ASP A 224 13.69 -15.85 11.97
CA ASP A 224 12.81 -16.91 11.51
C ASP A 224 12.63 -18.00 12.55
N ARG A 225 13.62 -18.17 13.44
CA ARG A 225 13.52 -19.22 14.45
C ARG A 225 12.39 -18.97 15.43
N GLU A 226 12.05 -17.70 15.67
CA GLU A 226 10.98 -17.35 16.59
C GLU A 226 9.59 -17.51 15.98
N TRP A 227 9.50 -17.91 14.71
CA TRP A 227 8.22 -18.12 14.06
C TRP A 227 8.10 -19.52 13.45
N GLY A 228 8.96 -20.45 13.86
CA GLY A 228 8.92 -21.79 13.32
C GLY A 228 9.35 -21.90 11.87
N ILE A 229 10.10 -20.92 11.36
CA ILE A 229 10.56 -20.90 9.98
C ILE A 229 12.01 -21.34 9.96
N ASP A 230 12.30 -22.40 9.21
CA ASP A 230 13.66 -22.92 9.08
C ASP A 230 14.02 -23.22 7.63
N LYS A 231 13.29 -22.65 6.69
CA LYS A 231 13.50 -22.82 5.26
C LYS A 231 13.83 -21.47 4.62
N PRO A 232 14.41 -21.48 3.42
CA PRO A 232 14.60 -20.21 2.70
C PRO A 232 13.26 -19.58 2.37
N TRP A 233 13.26 -18.25 2.28
CA TRP A 233 12.03 -17.53 1.97
C TRP A 233 12.36 -16.17 1.38
N ILE A 234 11.47 -15.69 0.51
CA ILE A 234 11.56 -14.36 -0.07
C ILE A 234 10.20 -13.70 0.06
N GLY A 235 10.19 -12.37 0.09
CA GLY A 235 8.94 -11.65 0.24
C GLY A 235 9.14 -10.17 0.00
N ALA A 236 8.01 -9.48 -0.18
CA ALA A 236 8.02 -8.05 -0.43
C ALA A 236 6.68 -7.47 -0.01
N GLY A 237 6.71 -6.23 0.47
CA GLY A 237 5.50 -5.57 0.92
C GLY A 237 5.24 -4.24 0.22
N PHE A 238 4.11 -4.14 -0.47
CA PHE A 238 3.76 -2.94 -1.23
C PHE A 238 2.60 -2.21 -0.57
N GLY A 239 2.68 -0.89 -0.53
CA GLY A 239 1.56 -0.07 -0.09
C GLY A 239 0.72 0.33 -1.29
N LEU A 240 -0.58 0.03 -1.21
CA LEU A 240 -1.46 0.25 -2.36
C LEU A 240 -1.75 1.73 -2.57
N GLU A 241 -1.81 2.52 -1.49
CA GLU A 241 -2.02 3.95 -1.66
C GLU A 241 -0.85 4.60 -2.38
N ARG A 242 0.37 4.15 -2.11
CA ARG A 242 1.53 4.69 -2.81
C ARG A 242 1.52 4.30 -4.28
N LEU A 243 1.05 3.09 -4.59
CA LEU A 243 0.94 2.66 -5.98
C LEU A 243 -0.06 3.52 -6.75
N LEU A 244 -1.22 3.78 -6.14
CA LEU A 244 -2.25 4.60 -6.80
C LEU A 244 -1.77 6.03 -7.00
N LYS A 245 -0.97 6.55 -6.05
CA LYS A 245 -0.44 7.90 -6.21
C LYS A 245 0.47 7.99 -7.44
N VAL A 246 1.22 6.92 -7.71
CA VAL A 246 2.16 6.94 -8.85
C VAL A 246 1.41 6.77 -10.16
N LYS A 247 0.48 5.81 -10.21
CA LYS A 247 -0.22 5.52 -11.47
C LYS A 247 -1.08 6.70 -11.90
N HIS A 248 -1.71 7.39 -10.95
CA HIS A 248 -2.61 8.51 -11.27
C HIS A 248 -1.94 9.86 -11.10
N ASP A 249 -0.66 9.90 -10.74
CA ASP A 249 0.10 11.15 -10.61
C ASP A 249 -0.55 12.11 -9.62
N PHE A 250 -0.99 11.56 -8.49
CA PHE A 250 -1.55 12.39 -7.43
C PHE A 250 -0.46 13.19 -6.73
N LYS A 251 -0.73 14.48 -6.51
CA LYS A 251 0.26 15.33 -5.85
C LYS A 251 0.41 14.97 -4.39
N ASN A 252 -0.65 14.46 -3.75
CA ASN A 252 -0.62 14.04 -2.36
C ASN A 252 -1.24 12.67 -2.23
N ILE A 253 -0.70 11.85 -1.33
CA ILE A 253 -1.12 10.46 -1.22
C ILE A 253 -2.51 10.34 -0.60
N LYS A 254 -2.98 11.37 0.11
CA LYS A 254 -4.28 11.29 0.75
C LYS A 254 -5.43 11.23 -0.25
N ARG A 255 -5.19 11.55 -1.53
CA ARG A 255 -6.23 11.42 -2.53
C ARG A 255 -6.54 9.97 -2.87
N ALA A 256 -5.67 9.03 -2.50
CA ALA A 256 -5.87 7.63 -2.80
C ALA A 256 -6.24 6.79 -1.59
N ALA A 257 -6.21 7.36 -0.39
CA ALA A 257 -6.47 6.59 0.82
C ALA A 257 -7.97 6.51 1.10
N ARG A 258 -8.32 5.66 2.05
CA ARG A 258 -9.68 5.63 2.58
C ARG A 258 -10.00 6.98 3.21
N SER A 259 -11.00 7.67 2.68
CA SER A 259 -11.36 8.98 3.20
C SER A 259 -12.78 9.32 2.77
N GLU A 260 -13.37 10.25 3.52
CA GLU A 260 -14.62 10.90 3.14
C GLU A 260 -14.39 12.17 2.35
N SER A 261 -13.13 12.57 2.16
CA SER A 261 -12.80 13.82 1.49
C SER A 261 -12.53 13.65 0.00
N TYR A 262 -12.19 12.44 -0.44
CA TYR A 262 -11.89 12.20 -1.84
C TYR A 262 -12.47 10.88 -2.28
N TYR A 263 -12.95 10.84 -3.53
CA TYR A 263 -13.36 9.60 -4.18
C TYR A 263 -12.56 9.47 -5.47
N ASN A 264 -11.64 8.51 -5.51
CA ASN A 264 -10.79 8.27 -6.67
C ASN A 264 -10.02 9.53 -7.06
N GLY A 265 -9.46 10.20 -6.05
CA GLY A 265 -8.72 11.42 -6.29
C GLY A 265 -9.55 12.63 -6.64
N ILE A 266 -10.87 12.53 -6.53
CA ILE A 266 -11.78 13.63 -6.83
C ILE A 266 -12.37 14.13 -5.53
N SER A 267 -12.35 15.45 -5.33
CA SER A 267 -12.85 16.03 -4.09
C SER A 267 -14.34 15.79 -3.95
N THR A 268 -14.76 15.40 -2.74
CA THR A 268 -16.16 15.22 -2.41
C THR A 268 -16.76 16.45 -1.73
N ASN A 269 -15.97 17.51 -1.55
CA ASN A 269 -16.46 18.76 -0.97
C ASN A 269 -16.74 19.73 -2.12
N LEU A 270 -17.84 19.47 -2.81
CA LEU A 270 -18.22 20.28 -3.97
C LEU A 270 -19.37 21.22 -3.64
OH2 1PE B . 8.84 -5.62 4.38
C12 1PE B . 8.02 -6.56 3.74
C22 1PE B . 8.76 -7.90 3.68
OH3 1PE B . 7.83 -8.88 3.31
C13 1PE B . 6.41 -10.58 4.14
C23 1PE B . 7.81 -9.99 4.17
OH4 1PE B . 6.50 -11.97 4.30
C14 1PE B . 6.80 -13.89 5.65
C24 1PE B . 6.95 -12.37 5.56
OH5 1PE B . 7.94 -14.40 6.28
C15 1PE B . 9.14 -14.88 8.28
C25 1PE B . 8.07 -14.01 7.62
OH6 1PE B . 9.28 -14.44 9.60
C16 1PE B . 9.56 -12.38 10.75
C26 1PE B . 10.17 -13.36 9.75
OH7 1PE B . 8.17 -12.51 10.69
NA NA C . 20.58 -9.10 -0.40
C1 GOL D . 2.78 -32.07 2.34
O1 GOL D . 3.12 -32.36 3.66
C2 GOL D . 3.69 -32.93 1.43
O2 GOL D . 3.54 -34.28 1.69
C3 GOL D . 3.28 -32.55 -0.01
O3 GOL D . 1.91 -32.76 -0.11
C1 GOL E . 18.96 -1.17 1.82
O1 GOL E . 19.08 -2.27 2.67
C2 GOL E . 19.71 -1.54 0.51
O2 GOL E . 21.06 -1.77 0.74
C3 GOL E . 19.46 -0.35 -0.43
O3 GOL E . 19.76 0.80 0.29
C1 EDO F . 13.82 -21.82 -9.24
O1 EDO F . 13.13 -23.02 -8.87
C2 EDO F . 12.80 -20.73 -9.57
O2 EDO F . 13.49 -19.52 -9.88
C1 EDO G . 16.24 4.94 0.24
O1 EDO G . 16.97 3.89 0.89
C2 EDO G . 17.06 5.49 -0.91
O2 EDO G . 17.36 4.43 -1.84
C1 EDO H . 10.37 5.82 3.53
O1 EDO H . 9.95 4.85 4.49
C2 EDO H . 9.16 6.30 2.73
O2 EDO H . 9.59 7.23 1.73
#